data_5JAG
#
_entry.id   5JAG
#
_cell.length_a   88.230
_cell.length_b   95.610
_cell.length_c   83.700
_cell.angle_alpha   90.00
_cell.angle_beta   97.81
_cell.angle_gamma   90.00
#
_symmetry.space_group_name_H-M   'C 1 2 1'
#
loop_
_entity.id
_entity.type
_entity.pdbx_description
1 polymer Transporter
2 non-polymer 'octyl beta-D-glucopyranoside'
3 water water
#
_entity_poly.entity_id   1
_entity_poly.type   'polypeptide(L)'
_entity_poly.pdbx_seq_one_letter_code
;MEVKREHWATRLGLILAMAGNAVGLGNFLRFPVQAAENGGGAFMIPYIIAFLLVGIPLMWIEWAMGRYGGAQGHGTTPAI
FYLLWRNRFAKILGVFGLWIPLVVAIYYVYIESWTLGFAIKFLVGLVPEPPPNATDPDSILRPFKEFLYSYIGVPKGDEP
ILKPSLFAYIVFLITMFINVSILIRGISKGIERFAKIAMPTLFILAVFLVIRVFLLETPNGTAADGLNFLWTPDFEKLKD
PGVWIAAVGQIFFTLSLGFGAIITYASYVRKDQDIVLSGLTAATLNEKAEVILGGSISIPAAVAFFGVANAVAIAKAGAF
NLGFITLPAIFSQTAGGTFLGFLWFFLLFFAGLHSSIAIMQPMIAFLEDELKLSRKHAVLWTAAIVFFSAHLVMFLNKSL
DEMDFWAGTIGVVFFGLTELIIFFWIFGADKAWEEINRGGIIKVPRIYYYVMRYITPAFLAVLLVVWAREYIPKIMEETH
WTVWITRFYIIGLFLFLTFLVFLAERRRNHESAGTLVPR
;
_entity_poly.pdbx_strand_id   A
#
loop_
_chem_comp.id
_chem_comp.type
_chem_comp.name
_chem_comp.formula
BOG D-saccharide 'octyl beta-D-glucopyranoside' 'C14 H28 O6'
#
# COMPACT_ATOMS: atom_id res chain seq x y z
N LYS A 4 -22.11 14.22 15.38
CA LYS A 4 -21.62 12.84 15.48
C LYS A 4 -21.27 12.27 14.12
N ARG A 5 -20.53 11.16 14.12
CA ARG A 5 -20.11 10.51 12.89
C ARG A 5 -20.07 9.02 13.12
N GLU A 6 -19.80 8.27 12.05
CA GLU A 6 -19.63 6.83 12.16
C GLU A 6 -18.47 6.50 13.09
N HIS A 7 -18.50 5.31 13.68
CA HIS A 7 -17.48 4.91 14.64
C HIS A 7 -17.16 3.43 14.48
N TRP A 8 -15.94 3.08 14.87
CA TRP A 8 -15.54 1.68 14.90
C TRP A 8 -16.26 0.96 16.04
N ALA A 9 -16.81 -0.21 15.75
CA ALA A 9 -17.58 -0.95 16.74
C ALA A 9 -16.67 -1.65 17.74
N THR A 10 -15.65 -2.35 17.26
CA THR A 10 -14.78 -3.15 18.11
C THR A 10 -13.33 -2.69 17.97
N ARG A 11 -12.56 -2.89 19.04
CA ARG A 11 -11.12 -2.68 18.97
C ARG A 11 -10.48 -3.61 17.95
N LEU A 12 -10.96 -4.87 17.89
CA LEU A 12 -10.42 -5.84 16.96
C LEU A 12 -10.67 -5.40 15.51
N GLY A 13 -11.91 -5.00 15.21
CA GLY A 13 -12.24 -4.57 13.87
C GLY A 13 -11.45 -3.35 13.43
N LEU A 14 -11.25 -2.40 14.34
CA LEU A 14 -10.41 -1.25 14.04
C LEU A 14 -8.99 -1.67 13.71
N ILE A 15 -8.41 -2.55 14.53
CA ILE A 15 -7.05 -3.02 14.30
C ILE A 15 -6.97 -3.83 13.01
N LEU A 16 -7.96 -4.70 12.77
CA LEU A 16 -7.95 -5.50 11.56
C LEU A 16 -8.16 -4.65 10.31
N ALA A 17 -8.94 -3.57 10.41
CA ALA A 17 -9.09 -2.66 9.29
C ALA A 17 -7.84 -1.82 9.09
N MET A 18 -7.25 -1.32 10.19
CA MET A 18 -6.01 -0.56 10.09
C MET A 18 -4.87 -1.41 9.54
N ALA A 19 -4.69 -2.61 10.10
CA ALA A 19 -3.68 -3.52 9.57
C ALA A 19 -4.01 -3.96 8.15
N GLY A 20 -5.29 -3.93 7.77
CA GLY A 20 -5.66 -4.37 6.43
C GLY A 20 -5.17 -3.45 5.34
N ASN A 21 -5.17 -2.15 5.59
CA ASN A 21 -4.81 -1.20 4.53
C ASN A 21 -3.33 -1.23 4.17
N ALA A 22 -2.52 -2.05 4.85
CA ALA A 22 -1.12 -2.20 4.50
C ALA A 22 -0.78 -3.57 3.91
N VAL A 23 -1.63 -4.58 4.13
CA VAL A 23 -1.36 -5.90 3.57
C VAL A 23 -1.69 -5.97 2.08
N GLY A 24 -2.50 -5.04 1.57
CA GLY A 24 -2.79 -4.98 0.15
C GLY A 24 -1.75 -4.28 -0.68
N LEU A 25 -0.74 -3.69 -0.06
CA LEU A 25 0.31 -2.96 -0.75
C LEU A 25 1.36 -3.87 -1.36
N GLY A 26 1.14 -5.19 -1.36
CA GLY A 26 2.07 -6.11 -1.99
C GLY A 26 3.33 -6.37 -1.22
N ASN A 27 3.29 -6.31 0.11
CA ASN A 27 4.49 -6.50 0.90
C ASN A 27 4.97 -7.94 0.92
N PHE A 28 4.10 -8.91 0.59
CA PHE A 28 4.56 -10.30 0.49
C PHE A 28 5.62 -10.45 -0.60
N LEU A 29 5.57 -9.60 -1.63
CA LEU A 29 6.58 -9.53 -2.66
C LEU A 29 7.58 -8.40 -2.42
N ARG A 30 7.11 -7.28 -1.89
CA ARG A 30 7.94 -6.08 -1.78
C ARG A 30 9.05 -6.26 -0.76
N PHE A 31 8.74 -6.81 0.42
CA PHE A 31 9.73 -6.91 1.48
C PHE A 31 10.87 -7.87 1.14
N PRO A 32 10.61 -9.12 0.74
CA PRO A 32 11.75 -10.04 0.52
C PRO A 32 12.65 -9.61 -0.62
N VAL A 33 12.10 -8.96 -1.65
CA VAL A 33 12.94 -8.43 -2.72
C VAL A 33 13.87 -7.35 -2.18
N GLN A 34 13.32 -6.45 -1.35
CA GLN A 34 14.15 -5.43 -0.72
C GLN A 34 15.19 -6.06 0.19
N ALA A 35 14.80 -7.11 0.92
CA ALA A 35 15.74 -7.77 1.82
C ALA A 35 16.82 -8.51 1.04
N ALA A 36 16.45 -9.15 -0.07
CA ALA A 36 17.43 -9.89 -0.86
C ALA A 36 18.45 -8.97 -1.51
N GLU A 37 18.12 -7.69 -1.70
CA GLU A 37 19.02 -6.75 -2.36
C GLU A 37 19.66 -5.77 -1.38
N ASN A 38 19.62 -6.07 -0.07
CA ASN A 38 20.21 -5.18 0.93
C ASN A 38 20.76 -5.98 2.10
N GLY A 39 21.46 -7.07 1.80
CA GLY A 39 22.14 -7.84 2.82
C GLY A 39 21.39 -9.02 3.39
N GLY A 40 20.28 -9.43 2.79
CA GLY A 40 19.53 -10.57 3.27
C GLY A 40 19.02 -10.42 4.68
N GLY A 41 19.57 -11.23 5.61
CA GLY A 41 19.19 -11.11 7.01
C GLY A 41 19.74 -9.88 7.69
N ALA A 42 20.86 -9.33 7.18
CA ALA A 42 21.39 -8.08 7.74
C ALA A 42 20.49 -6.90 7.42
N PHE A 43 19.58 -7.04 6.47
CA PHE A 43 18.61 -5.99 6.17
C PHE A 43 17.67 -5.74 7.35
N MET A 44 17.59 -6.67 8.30
CA MET A 44 16.72 -6.49 9.45
C MET A 44 17.17 -5.30 10.30
N ILE A 45 18.49 -5.08 10.39
CA ILE A 45 18.99 -3.96 11.20
C ILE A 45 18.52 -2.62 10.65
N PRO A 46 18.63 -2.31 9.35
CA PRO A 46 17.99 -1.09 8.86
C PRO A 46 16.47 -1.15 8.90
N TYR A 47 15.89 -2.32 8.66
CA TYR A 47 14.44 -2.44 8.60
C TYR A 47 13.81 -2.25 9.98
N ILE A 48 14.35 -2.92 11.00
CA ILE A 48 13.80 -2.79 12.35
C ILE A 48 14.00 -1.36 12.86
N ILE A 49 15.18 -0.80 12.62
CA ILE A 49 15.46 0.57 13.08
C ILE A 49 14.51 1.55 12.41
N ALA A 50 14.35 1.43 11.08
CA ALA A 50 13.40 2.27 10.38
C ALA A 50 11.97 2.00 10.84
N PHE A 51 11.68 0.76 11.24
CA PHE A 51 10.38 0.47 11.83
C PHE A 51 10.22 1.14 13.18
N LEU A 52 11.31 1.31 13.92
CA LEU A 52 11.25 1.91 15.26
C LEU A 52 11.44 3.42 15.23
N LEU A 53 12.41 3.93 14.47
CA LEU A 53 12.72 5.35 14.48
C LEU A 53 11.84 6.17 13.54
N VAL A 54 11.20 5.55 12.55
CA VAL A 54 10.40 6.25 11.56
C VAL A 54 8.96 5.74 11.54
N GLY A 55 8.78 4.43 11.42
CA GLY A 55 7.47 3.85 11.27
C GLY A 55 6.54 4.02 12.46
N ILE A 56 6.96 3.52 13.63
CA ILE A 56 6.13 3.63 14.82
C ILE A 56 5.81 5.08 15.17
N PRO A 57 6.78 6.01 15.22
CA PRO A 57 6.41 7.39 15.57
C PRO A 57 5.49 8.05 14.56
N LEU A 58 5.76 7.89 13.26
CA LEU A 58 4.87 8.49 12.26
C LEU A 58 3.52 7.80 12.24
N MET A 59 3.46 6.53 12.63
CA MET A 59 2.18 5.84 12.75
C MET A 59 1.33 6.45 13.86
N TRP A 60 1.90 6.57 15.06
CA TRP A 60 1.18 7.17 16.18
C TRP A 60 0.76 8.60 15.85
N ILE A 61 1.60 9.33 15.13
CA ILE A 61 1.26 10.71 14.76
C ILE A 61 0.01 10.72 13.88
N GLU A 62 -0.05 9.82 12.90
CA GLU A 62 -1.22 9.77 12.02
C GLU A 62 -2.47 9.32 12.77
N TRP A 63 -2.30 8.45 13.78
CA TRP A 63 -3.45 8.05 14.59
C TRP A 63 -4.01 9.24 15.38
N ALA A 64 -3.12 10.08 15.93
CA ALA A 64 -3.57 11.19 16.76
C ALA A 64 -4.20 12.29 15.93
N MET A 65 -3.62 12.59 14.76
CA MET A 65 -4.16 13.64 13.92
C MET A 65 -5.56 13.29 13.43
N GLY A 66 -5.83 12.01 13.19
CA GLY A 66 -7.16 11.61 12.77
C GLY A 66 -8.18 11.71 13.89
N ARG A 67 -7.83 11.21 15.07
CA ARG A 67 -8.76 11.26 16.19
C ARG A 67 -9.00 12.69 16.64
N TYR A 68 -7.97 13.54 16.60
CA TYR A 68 -8.15 14.95 16.91
C TYR A 68 -9.09 15.61 15.92
N GLY A 69 -8.97 15.27 14.64
CA GLY A 69 -9.84 15.83 13.63
C GLY A 69 -11.23 15.22 13.64
N GLY A 70 -11.31 13.91 13.87
CA GLY A 70 -12.59 13.24 13.89
C GLY A 70 -13.50 13.73 15.01
N ALA A 71 -12.91 14.11 16.14
CA ALA A 71 -13.71 14.65 17.24
C ALA A 71 -14.42 15.93 16.83
N GLN A 72 -13.80 16.74 15.99
CA GLN A 72 -14.42 17.94 15.45
C GLN A 72 -15.10 17.69 14.10
N GLY A 73 -15.28 16.43 13.72
CA GLY A 73 -16.03 16.10 12.52
C GLY A 73 -15.26 16.23 11.24
N HIS A 74 -13.94 16.11 11.27
CA HIS A 74 -13.10 16.29 10.09
C HIS A 74 -12.19 15.08 9.94
N GLY A 75 -12.47 14.25 8.94
CA GLY A 75 -11.70 13.05 8.68
C GLY A 75 -10.58 13.19 7.67
N THR A 76 -10.40 14.37 7.08
CA THR A 76 -9.40 14.56 6.04
C THR A 76 -8.52 15.77 6.39
N THR A 77 -7.33 15.80 5.79
CA THR A 77 -6.25 16.70 6.16
C THR A 77 -6.41 18.17 5.70
N PRO A 78 -7.18 18.50 4.66
CA PRO A 78 -7.40 19.93 4.40
C PRO A 78 -8.06 20.65 5.56
N ALA A 79 -8.90 19.96 6.33
CA ALA A 79 -9.50 20.55 7.53
C ALA A 79 -8.66 20.29 8.77
N ILE A 80 -8.02 19.13 8.87
CA ILE A 80 -7.25 18.79 10.06
C ILE A 80 -6.01 19.66 10.16
N PHE A 81 -5.32 19.87 9.04
CA PHE A 81 -4.16 20.77 9.04
C PHE A 81 -4.55 22.17 9.50
N TYR A 82 -5.73 22.64 9.07
CA TYR A 82 -6.19 23.96 9.47
C TYR A 82 -6.46 24.04 10.96
N LEU A 83 -6.85 22.93 11.59
CA LEU A 83 -6.99 22.91 13.04
C LEU A 83 -5.62 22.95 13.73
N LEU A 84 -4.69 22.13 13.25
CA LEU A 84 -3.34 22.12 13.82
C LEU A 84 -2.54 23.37 13.44
N TRP A 85 -2.91 24.03 12.35
CA TRP A 85 -2.19 25.21 11.89
C TRP A 85 -3.19 26.13 11.21
N ARG A 86 -3.70 27.11 11.96
CA ARG A 86 -4.68 28.06 11.43
C ARG A 86 -4.02 28.93 10.37
N ASN A 87 -4.00 28.46 9.13
CA ASN A 87 -3.29 29.16 8.07
C ASN A 87 -3.87 28.75 6.73
N ARG A 88 -3.68 29.63 5.74
CA ARG A 88 -4.12 29.35 4.38
C ARG A 88 -3.23 28.31 3.73
N PHE A 89 -1.93 28.35 4.02
CA PHE A 89 -0.99 27.36 3.49
C PHE A 89 -1.26 25.96 4.01
N ALA A 90 -1.92 25.84 5.18
CA ALA A 90 -2.19 24.51 5.72
C ALA A 90 -3.30 23.82 4.94
N LYS A 91 -4.30 24.57 4.45
CA LYS A 91 -5.39 23.97 3.70
C LYS A 91 -4.91 23.47 2.34
N ILE A 92 -4.03 24.22 1.68
CA ILE A 92 -3.49 23.77 0.40
C ILE A 92 -2.60 22.55 0.59
N LEU A 93 -1.77 22.55 1.64
CA LEU A 93 -0.99 21.36 1.95
C LEU A 93 -1.89 20.18 2.31
N GLY A 94 -3.06 20.44 2.89
CA GLY A 94 -3.98 19.36 3.23
C GLY A 94 -4.58 18.70 2.00
N VAL A 95 -4.63 19.43 0.88
CA VAL A 95 -5.16 18.85 -0.35
C VAL A 95 -4.35 17.63 -0.76
N PHE A 96 -3.05 17.61 -0.45
CA PHE A 96 -2.21 16.48 -0.81
C PHE A 96 -2.70 15.19 -0.14
N GLY A 97 -3.04 15.26 1.15
CA GLY A 97 -3.60 14.11 1.86
C GLY A 97 -4.93 13.63 1.32
N LEU A 98 -5.57 14.41 0.47
CA LEU A 98 -6.73 13.97 -0.31
C LEU A 98 -6.36 13.62 -1.74
N TRP A 99 -5.33 14.28 -2.28
CA TRP A 99 -4.86 14.03 -3.64
C TRP A 99 -4.08 12.73 -3.73
N ILE A 100 -3.19 12.47 -2.77
CA ILE A 100 -2.39 11.24 -2.81
C ILE A 100 -3.25 9.99 -2.79
N PRO A 101 -4.17 9.79 -1.83
CA PRO A 101 -4.97 8.56 -1.86
C PRO A 101 -5.88 8.46 -3.07
N LEU A 102 -6.33 9.60 -3.61
CA LEU A 102 -7.19 9.56 -4.78
C LEU A 102 -6.41 9.14 -6.03
N VAL A 103 -5.20 9.68 -6.20
CA VAL A 103 -4.40 9.32 -7.37
C VAL A 103 -3.98 7.87 -7.29
N VAL A 104 -3.62 7.39 -6.10
CA VAL A 104 -3.26 5.99 -5.93
C VAL A 104 -4.42 5.09 -6.32
N ALA A 105 -5.64 5.45 -5.89
CA ALA A 105 -6.82 4.66 -6.23
C ALA A 105 -7.06 4.61 -7.74
N ILE A 106 -6.66 5.67 -8.46
CA ILE A 106 -6.92 5.73 -9.89
C ILE A 106 -6.20 4.63 -10.64
N TYR A 107 -5.05 4.17 -10.12
CA TYR A 107 -4.35 3.05 -10.74
C TYR A 107 -4.30 1.80 -9.89
N TYR A 108 -4.56 1.88 -8.58
CA TYR A 108 -4.43 0.71 -7.74
C TYR A 108 -5.60 -0.26 -7.94
N VAL A 109 -6.83 0.26 -7.88
CA VAL A 109 -8.01 -0.60 -8.05
C VAL A 109 -7.93 -1.37 -9.36
N TYR A 110 -7.39 -0.75 -10.40
CA TYR A 110 -7.20 -1.43 -11.67
C TYR A 110 -6.19 -2.57 -11.54
N ILE A 111 -5.09 -2.34 -10.80
CA ILE A 111 -4.14 -3.40 -10.54
C ILE A 111 -4.77 -4.48 -9.67
N GLU A 112 -5.55 -4.08 -8.67
CA GLU A 112 -6.29 -5.04 -7.86
C GLU A 112 -7.23 -5.87 -8.72
N SER A 113 -7.82 -5.26 -9.76
CA SER A 113 -8.69 -6.01 -10.64
C SER A 113 -7.94 -7.09 -11.41
N TRP A 114 -6.64 -6.87 -11.66
CA TRP A 114 -5.85 -7.90 -12.32
C TRP A 114 -5.81 -9.18 -11.51
N THR A 115 -5.60 -9.07 -10.20
CA THR A 115 -5.53 -10.26 -9.36
C THR A 115 -6.86 -11.00 -9.35
N LEU A 116 -7.98 -10.27 -9.39
CA LEU A 116 -9.28 -10.92 -9.49
C LEU A 116 -9.42 -11.67 -10.81
N GLY A 117 -9.07 -11.02 -11.92
CA GLY A 117 -9.18 -11.66 -13.22
C GLY A 117 -8.23 -12.83 -13.37
N PHE A 118 -7.04 -12.72 -12.78
CA PHE A 118 -6.09 -13.83 -12.79
C PHE A 118 -6.55 -14.97 -11.90
N ALA A 119 -7.25 -14.65 -10.81
CA ALA A 119 -7.83 -15.70 -9.98
C ALA A 119 -8.92 -16.46 -10.71
N ILE A 120 -9.73 -15.75 -11.51
CA ILE A 120 -10.80 -16.40 -12.26
C ILE A 120 -10.22 -17.30 -13.35
N LYS A 121 -9.23 -16.79 -14.09
CA LYS A 121 -8.63 -17.57 -15.17
C LYS A 121 -7.96 -18.83 -14.63
N PHE A 122 -7.22 -18.71 -13.53
CA PHE A 122 -6.57 -19.88 -12.93
C PHE A 122 -7.62 -20.87 -12.43
N LEU A 123 -8.71 -20.38 -11.84
CA LEU A 123 -9.71 -21.26 -11.28
C LEU A 123 -10.36 -22.12 -12.37
N VAL A 124 -10.69 -21.51 -13.52
CA VAL A 124 -11.31 -22.25 -14.62
C VAL A 124 -10.29 -22.85 -15.57
N GLY A 125 -9.00 -22.63 -15.34
CA GLY A 125 -7.98 -23.26 -16.15
C GLY A 125 -7.63 -22.54 -17.43
N LEU A 126 -8.05 -21.29 -17.60
CA LEU A 126 -7.73 -20.52 -18.80
C LEU A 126 -6.37 -19.84 -18.66
N VAL A 127 -5.35 -20.67 -18.46
CA VAL A 127 -3.98 -20.21 -18.27
C VAL A 127 -3.07 -20.95 -19.23
N PRO A 128 -1.93 -20.38 -19.62
CA PRO A 128 -0.98 -21.13 -20.45
C PRO A 128 -0.39 -22.28 -19.67
N GLU A 129 -0.25 -23.43 -20.33
CA GLU A 129 0.20 -24.66 -19.68
C GLU A 129 1.39 -25.22 -20.44
N PRO A 130 2.59 -24.71 -20.18
CA PRO A 130 3.80 -25.29 -20.78
C PRO A 130 4.09 -26.65 -20.16
N PRO A 131 5.02 -27.43 -20.75
CA PRO A 131 5.83 -27.17 -21.96
C PRO A 131 5.03 -27.32 -23.25
N THR A 135 16.07 -27.81 -19.61
CA THR A 135 15.02 -26.83 -19.37
C THR A 135 15.62 -25.49 -18.99
N ASP A 136 14.92 -24.41 -19.33
CA ASP A 136 15.42 -23.06 -19.14
C ASP A 136 14.30 -22.19 -18.59
N PRO A 137 14.65 -21.09 -17.92
CA PRO A 137 13.59 -20.22 -17.37
C PRO A 137 12.78 -19.51 -18.43
N ASP A 138 13.41 -19.07 -19.52
CA ASP A 138 12.67 -18.34 -20.56
C ASP A 138 11.58 -19.20 -21.18
N SER A 139 11.82 -20.51 -21.30
CA SER A 139 10.82 -21.40 -21.88
C SER A 139 9.56 -21.44 -21.04
N ILE A 140 9.69 -21.24 -19.73
CA ILE A 140 8.56 -21.30 -18.81
C ILE A 140 8.00 -19.91 -18.52
N LEU A 141 8.87 -18.91 -18.40
CA LEU A 141 8.43 -17.58 -17.98
C LEU A 141 7.73 -16.83 -19.11
N ARG A 142 8.20 -17.01 -20.35
CA ARG A 142 7.68 -16.20 -21.45
C ARG A 142 6.18 -16.38 -21.71
N PRO A 143 5.61 -17.60 -21.71
CA PRO A 143 4.16 -17.70 -21.94
C PRO A 143 3.32 -16.97 -20.90
N PHE A 144 3.82 -16.83 -19.67
CA PHE A 144 3.12 -16.06 -18.64
C PHE A 144 3.46 -14.58 -18.72
N LYS A 145 4.58 -14.22 -19.35
CA LYS A 145 4.83 -12.83 -19.68
C LYS A 145 3.85 -12.35 -20.74
N GLU A 146 3.66 -13.16 -21.80
CA GLU A 146 2.63 -12.84 -22.78
C GLU A 146 1.25 -12.82 -22.16
N PHE A 147 1.02 -13.70 -21.19
CA PHE A 147 -0.31 -13.82 -20.57
C PHE A 147 -0.67 -12.54 -19.82
N LEU A 148 0.26 -12.03 -19.01
CA LEU A 148 0.02 -10.76 -18.33
C LEU A 148 -0.05 -9.60 -19.32
N TYR A 149 0.82 -9.60 -20.33
CA TYR A 149 0.87 -8.49 -21.26
C TYR A 149 -0.33 -8.50 -22.20
N SER A 150 -0.91 -9.67 -22.49
CA SER A 150 -2.12 -9.71 -23.28
C SER A 150 -3.33 -9.27 -22.47
N TYR A 151 -3.30 -9.49 -21.16
CA TYR A 151 -4.39 -9.06 -20.29
C TYR A 151 -4.37 -7.54 -20.13
N ILE A 152 -3.24 -6.99 -19.68
CA ILE A 152 -3.11 -5.55 -19.52
C ILE A 152 -3.18 -4.84 -20.87
N GLY A 153 -2.70 -5.48 -21.93
CA GLY A 153 -2.66 -4.84 -23.23
C GLY A 153 -1.36 -4.14 -23.54
N VAL A 154 -0.25 -4.60 -22.97
CA VAL A 154 1.05 -3.97 -23.21
C VAL A 154 1.41 -4.12 -24.69
N PRO A 155 1.72 -3.04 -25.39
CA PRO A 155 2.08 -3.15 -26.81
C PRO A 155 3.45 -3.79 -26.98
N LYS A 156 3.69 -4.29 -28.19
CA LYS A 156 4.92 -5.04 -28.46
C LYS A 156 6.15 -4.15 -28.44
N GLY A 157 6.01 -2.87 -28.79
CA GLY A 157 7.15 -1.98 -28.80
C GLY A 157 6.99 -0.74 -27.95
N ASP A 158 7.55 0.39 -28.41
CA ASP A 158 7.42 1.65 -27.71
C ASP A 158 6.09 2.35 -27.97
N GLU A 159 5.05 1.59 -28.33
CA GLU A 159 3.78 2.21 -28.65
C GLU A 159 3.19 2.88 -27.41
N PRO A 160 2.62 4.08 -27.54
CA PRO A 160 2.09 4.77 -26.36
C PRO A 160 0.73 4.27 -25.90
N ILE A 161 0.08 3.40 -26.67
CA ILE A 161 -1.30 3.00 -26.41
C ILE A 161 -1.33 1.61 -25.81
N LEU A 162 -2.10 1.44 -24.74
CA LEU A 162 -2.39 0.12 -24.20
C LEU A 162 -3.68 -0.39 -24.81
N LYS A 163 -3.75 -1.70 -25.04
CA LYS A 163 -4.91 -2.35 -25.65
C LYS A 163 -5.43 -3.42 -24.70
N PRO A 164 -6.04 -3.01 -23.58
CA PRO A 164 -6.46 -3.99 -22.58
C PRO A 164 -7.61 -4.87 -23.09
N SER A 165 -7.62 -6.12 -22.64
CA SER A 165 -8.66 -7.05 -23.04
C SER A 165 -10.00 -6.64 -22.44
N LEU A 166 -11.08 -7.00 -23.16
CA LEU A 166 -12.42 -6.75 -22.64
C LEU A 166 -12.61 -7.42 -21.28
N PHE A 167 -12.05 -8.62 -21.11
CA PHE A 167 -12.11 -9.31 -19.83
C PHE A 167 -11.51 -8.47 -18.72
N ALA A 168 -10.34 -7.88 -18.96
CA ALA A 168 -9.72 -7.03 -17.95
C ALA A 168 -10.59 -5.82 -17.63
N TYR A 169 -11.28 -5.28 -18.64
CA TYR A 169 -12.14 -4.12 -18.41
C TYR A 169 -13.38 -4.51 -17.62
N ILE A 170 -14.00 -5.65 -17.96
CA ILE A 170 -15.18 -6.09 -17.24
C ILE A 170 -14.83 -6.43 -15.80
N VAL A 171 -13.70 -7.10 -15.58
CA VAL A 171 -13.29 -7.44 -14.22
C VAL A 171 -13.01 -6.17 -13.43
N PHE A 172 -12.50 -5.13 -14.09
CA PHE A 172 -12.30 -3.85 -13.42
C PHE A 172 -13.62 -3.24 -12.99
N LEU A 173 -14.66 -3.37 -13.81
CA LEU A 173 -15.99 -2.92 -13.41
C LEU A 173 -16.48 -3.71 -12.20
N ILE A 174 -16.35 -5.03 -12.25
CA ILE A 174 -16.77 -5.87 -11.13
C ILE A 174 -16.00 -5.49 -9.86
N THR A 175 -14.70 -5.23 -10.01
CA THR A 175 -13.88 -4.85 -8.85
C THR A 175 -14.38 -3.57 -8.22
N MET A 176 -14.68 -2.55 -9.05
CA MET A 176 -15.25 -1.32 -8.53
C MET A 176 -16.56 -1.57 -7.80
N PHE A 177 -17.37 -2.50 -8.33
CA PHE A 177 -18.64 -2.82 -7.70
C PHE A 177 -18.44 -3.42 -6.30
N ILE A 178 -17.42 -4.27 -6.15
CA ILE A 178 -17.14 -4.85 -4.84
C ILE A 178 -16.69 -3.79 -3.85
N ASN A 179 -15.79 -2.89 -4.29
CA ASN A 179 -15.34 -1.82 -3.41
C ASN A 179 -16.50 -0.92 -2.99
N VAL A 180 -17.40 -0.61 -3.92
CA VAL A 180 -18.55 0.21 -3.58
C VAL A 180 -19.43 -0.51 -2.57
N SER A 181 -19.64 -1.81 -2.76
CA SER A 181 -20.52 -2.58 -1.88
C SER A 181 -20.03 -2.53 -0.44
N ILE A 182 -18.72 -2.55 -0.23
CA ILE A 182 -18.17 -2.45 1.12
C ILE A 182 -18.25 -1.01 1.62
N LEU A 183 -17.87 -0.05 0.77
CA LEU A 183 -17.82 1.35 1.21
C LEU A 183 -19.20 1.94 1.39
N ILE A 184 -20.17 1.52 0.57
CA ILE A 184 -21.52 2.09 0.67
C ILE A 184 -22.23 1.64 1.93
N ARG A 185 -21.79 0.55 2.55
CA ARG A 185 -22.35 0.12 3.82
C ARG A 185 -21.81 0.93 4.99
N GLY A 186 -20.63 1.52 4.86
CA GLY A 186 -20.11 2.38 5.91
C GLY A 186 -18.84 1.87 6.56
N ILE A 187 -18.58 2.37 7.76
CA ILE A 187 -17.38 1.97 8.51
C ILE A 187 -17.62 0.65 9.22
N SER A 188 -18.57 0.63 10.15
CA SER A 188 -18.83 -0.58 10.93
C SER A 188 -19.55 -1.63 10.09
N LYS A 189 -20.63 -1.25 9.41
CA LYS A 189 -21.39 -2.20 8.61
C LYS A 189 -20.60 -2.69 7.40
N GLY A 190 -19.69 -1.87 6.88
CA GLY A 190 -18.99 -2.21 5.66
C GLY A 190 -17.52 -2.55 5.83
N ILE A 191 -16.71 -1.54 6.14
CA ILE A 191 -15.26 -1.74 6.21
C ILE A 191 -14.91 -2.69 7.35
N GLU A 192 -15.48 -2.45 8.53
CA GLU A 192 -15.12 -3.25 9.70
C GLU A 192 -15.63 -4.68 9.58
N ARG A 193 -16.87 -4.85 9.08
CA ARG A 193 -17.41 -6.18 8.87
C ARG A 193 -16.57 -6.96 7.87
N PHE A 194 -15.97 -6.27 6.90
CA PHE A 194 -15.13 -6.94 5.91
C PHE A 194 -13.79 -7.37 6.51
N ALA A 195 -13.18 -6.50 7.32
CA ALA A 195 -11.86 -6.81 7.87
C ALA A 195 -11.92 -7.95 8.88
N LYS A 196 -12.93 -7.94 9.76
CA LYS A 196 -13.04 -8.99 10.76
C LYS A 196 -13.22 -10.38 10.14
N ILE A 197 -13.69 -10.44 8.90
CA ILE A 197 -13.84 -11.72 8.20
C ILE A 197 -12.61 -12.05 7.36
N ALA A 198 -12.16 -11.09 6.55
CA ALA A 198 -11.14 -11.36 5.55
C ALA A 198 -9.73 -11.39 6.12
N MET A 199 -9.44 -10.57 7.12
CA MET A 199 -8.11 -10.62 7.74
C MET A 199 -7.78 -12.00 8.30
N PRO A 200 -8.65 -12.65 9.10
CA PRO A 200 -8.33 -14.03 9.50
C PRO A 200 -8.26 -14.99 8.32
N THR A 201 -9.13 -14.79 7.32
CA THR A 201 -9.10 -15.65 6.14
C THR A 201 -7.79 -15.48 5.37
N LEU A 202 -7.29 -14.25 5.27
CA LEU A 202 -5.99 -14.04 4.65
C LEU A 202 -4.89 -14.78 5.39
N PHE A 203 -4.95 -14.78 6.72
CA PHE A 203 -3.93 -15.45 7.52
C PHE A 203 -3.95 -16.96 7.27
N ILE A 204 -5.15 -17.57 7.34
CA ILE A 204 -5.27 -19.01 7.11
C ILE A 204 -4.78 -19.35 5.70
N LEU A 205 -5.21 -18.55 4.72
CA LEU A 205 -4.80 -18.81 3.34
C LEU A 205 -3.30 -18.61 3.15
N ALA A 206 -2.70 -17.65 3.86
CA ALA A 206 -1.26 -17.43 3.73
C ALA A 206 -0.46 -18.56 4.36
N VAL A 207 -0.94 -19.09 5.49
CA VAL A 207 -0.25 -20.20 6.14
C VAL A 207 -0.25 -21.43 5.23
N PHE A 208 -1.36 -21.67 4.53
CA PHE A 208 -1.41 -22.80 3.60
C PHE A 208 -0.37 -22.66 2.50
N LEU A 209 -0.24 -21.45 1.94
CA LEU A 209 0.79 -21.22 0.93
C LEU A 209 2.19 -21.43 1.50
N VAL A 210 2.43 -20.91 2.71
CA VAL A 210 3.73 -21.09 3.35
C VAL A 210 4.04 -22.58 3.49
N ILE A 211 3.10 -23.35 4.04
CA ILE A 211 3.30 -24.79 4.18
C ILE A 211 3.50 -25.44 2.81
N ARG A 212 2.71 -25.02 1.83
CA ARG A 212 2.83 -25.60 0.49
C ARG A 212 4.14 -25.22 -0.18
N VAL A 213 4.68 -24.04 0.13
CA VAL A 213 5.94 -23.62 -0.46
C VAL A 213 7.12 -24.34 0.19
N PHE A 214 7.07 -24.53 1.52
CA PHE A 214 8.17 -25.19 2.21
C PHE A 214 8.39 -26.62 1.72
N LEU A 215 7.37 -27.24 1.12
CA LEU A 215 7.46 -28.61 0.63
C LEU A 215 7.95 -28.68 -0.82
N LEU A 216 8.29 -27.55 -1.43
CA LEU A 216 8.71 -27.55 -2.83
C LEU A 216 10.07 -28.21 -2.99
N GLU A 217 10.17 -29.12 -3.96
CA GLU A 217 11.41 -29.83 -4.25
C GLU A 217 11.56 -29.95 -5.76
N THR A 218 12.55 -29.27 -6.32
CA THR A 218 12.86 -29.32 -7.74
C THR A 218 14.31 -29.75 -7.93
N PRO A 219 14.65 -30.26 -9.12
CA PRO A 219 16.07 -30.59 -9.38
C PRO A 219 17.00 -29.40 -9.25
N ASN A 220 16.47 -28.17 -9.25
CA ASN A 220 17.29 -26.97 -9.24
C ASN A 220 17.49 -26.36 -7.85
N GLY A 221 16.64 -26.69 -6.89
CA GLY A 221 16.81 -26.17 -5.55
C GLY A 221 15.64 -26.55 -4.67
N THR A 222 15.73 -26.09 -3.42
CA THR A 222 14.68 -26.30 -2.42
C THR A 222 14.29 -24.97 -1.80
N ALA A 223 13.12 -24.96 -1.15
CA ALA A 223 12.69 -23.76 -0.43
C ALA A 223 13.58 -23.47 0.77
N ALA A 224 14.26 -24.48 1.32
CA ALA A 224 15.25 -24.23 2.34
C ALA A 224 16.38 -23.36 1.81
N ASP A 225 16.81 -23.60 0.58
CA ASP A 225 17.77 -22.71 -0.05
C ASP A 225 17.18 -21.33 -0.26
N GLY A 226 15.88 -21.25 -0.53
CA GLY A 226 15.24 -19.96 -0.71
C GLY A 226 15.23 -19.15 0.58
N LEU A 227 14.88 -19.78 1.69
CA LEU A 227 14.97 -19.11 2.99
C LEU A 227 16.41 -18.87 3.38
N ASN A 228 17.32 -19.79 3.02
CA ASN A 228 18.73 -19.59 3.31
C ASN A 228 19.28 -18.40 2.53
N PHE A 229 18.94 -18.30 1.24
CA PHE A 229 19.38 -17.17 0.44
C PHE A 229 18.73 -15.87 0.92
N LEU A 230 17.46 -15.92 1.30
CA LEU A 230 16.74 -14.70 1.67
C LEU A 230 17.23 -14.16 3.00
N TRP A 231 17.57 -15.03 3.94
CA TRP A 231 17.89 -14.62 5.30
C TRP A 231 19.34 -14.90 5.70
N THR A 232 20.25 -14.98 4.72
CA THR A 232 21.67 -15.05 5.06
C THR A 232 22.19 -13.63 5.26
N PRO A 233 22.68 -13.28 6.44
CA PRO A 233 23.07 -11.89 6.70
C PRO A 233 24.44 -11.54 6.12
N ASP A 234 24.55 -10.29 5.67
CA ASP A 234 25.80 -9.75 5.15
C ASP A 234 25.90 -8.30 5.63
N PHE A 235 26.68 -8.08 6.69
CA PHE A 235 26.79 -6.76 7.30
C PHE A 235 27.69 -5.81 6.51
N GLU A 236 28.36 -6.30 5.45
CA GLU A 236 29.10 -5.40 4.58
C GLU A 236 28.17 -4.44 3.86
N LYS A 237 26.93 -4.85 3.59
CA LYS A 237 25.95 -3.97 2.98
C LYS A 237 25.57 -2.81 3.89
N LEU A 238 25.61 -3.03 5.21
CA LEU A 238 25.23 -1.99 6.16
C LEU A 238 26.13 -0.76 6.08
N LYS A 239 27.34 -0.91 5.53
CA LYS A 239 28.19 0.26 5.30
C LYS A 239 27.58 1.20 4.26
N ASP A 240 26.84 0.66 3.30
CA ASP A 240 26.27 1.46 2.23
C ASP A 240 25.05 2.21 2.72
N PRO A 241 25.02 3.55 2.62
CA PRO A 241 23.81 4.29 3.02
C PRO A 241 22.58 3.97 2.17
N GLY A 242 22.76 3.34 1.01
CA GLY A 242 21.60 2.97 0.20
C GLY A 242 20.74 1.91 0.83
N VAL A 243 21.32 1.05 1.66
CA VAL A 243 20.53 0.05 2.37
C VAL A 243 19.59 0.71 3.36
N TRP A 244 20.05 1.77 4.04
CA TRP A 244 19.19 2.48 4.98
C TRP A 244 18.13 3.29 4.25
N ILE A 245 18.41 3.72 3.03
CA ILE A 245 17.40 4.40 2.23
C ILE A 245 16.27 3.44 1.87
N ALA A 246 16.63 2.20 1.49
CA ALA A 246 15.61 1.23 1.10
C ALA A 246 14.75 0.80 2.27
N ALA A 247 15.28 0.86 3.50
CA ALA A 247 14.53 0.41 4.66
C ALA A 247 13.47 1.43 5.09
N VAL A 248 13.86 2.71 5.15
CA VAL A 248 12.91 3.75 5.55
C VAL A 248 11.78 3.86 4.54
N GLY A 249 12.12 3.83 3.25
CA GLY A 249 11.09 3.86 2.22
C GLY A 249 10.20 2.62 2.26
N GLN A 250 10.79 1.47 2.56
CA GLN A 250 10.01 0.25 2.72
C GLN A 250 9.01 0.39 3.86
N ILE A 251 9.40 1.09 4.94
CA ILE A 251 8.54 1.23 6.10
C ILE A 251 7.25 1.96 5.75
N PHE A 252 7.32 2.91 4.81
CA PHE A 252 6.10 3.60 4.37
C PHE A 252 5.09 2.66 3.74
N PHE A 253 5.50 1.45 3.36
CA PHE A 253 4.59 0.50 2.73
C PHE A 253 4.10 -0.58 3.69
N THR A 254 4.93 -1.02 4.65
CA THR A 254 4.44 -1.98 5.63
C THR A 254 3.45 -1.35 6.59
N LEU A 255 3.54 -0.05 6.81
CA LEU A 255 2.60 0.64 7.69
C LEU A 255 1.68 1.59 6.95
N SER A 256 1.81 1.69 5.63
CA SER A 256 0.97 2.57 4.80
C SER A 256 1.01 4.01 5.30
N LEU A 257 2.22 4.51 5.54
CA LEU A 257 2.41 5.86 6.04
C LEU A 257 2.29 6.87 4.91
N GLY A 258 1.64 7.99 5.20
CA GLY A 258 1.55 9.09 4.27
C GLY A 258 0.53 8.93 3.17
N PHE A 259 -0.21 7.82 3.13
CA PHE A 259 -1.23 7.60 2.11
C PHE A 259 -2.56 8.25 2.47
N GLY A 260 -2.66 8.92 3.62
CA GLY A 260 -3.90 9.53 4.05
C GLY A 260 -4.96 8.56 4.53
N ALA A 261 -4.62 7.27 4.70
CA ALA A 261 -5.58 6.26 5.10
C ALA A 261 -5.67 6.10 6.62
N ILE A 262 -4.53 6.16 7.31
CA ILE A 262 -4.53 6.02 8.77
C ILE A 262 -5.30 7.17 9.41
N ILE A 263 -5.04 8.40 8.94
CA ILE A 263 -5.70 9.57 9.52
C ILE A 263 -7.21 9.50 9.33
N THR A 264 -7.66 9.11 8.14
CA THR A 264 -9.10 9.04 7.87
C THR A 264 -9.75 7.93 8.66
N TYR A 265 -9.12 6.75 8.73
CA TYR A 265 -9.67 5.66 9.52
C TYR A 265 -9.72 6.02 11.00
N ALA A 266 -8.71 6.72 11.49
CA ALA A 266 -8.65 7.09 12.90
C ALA A 266 -9.65 8.17 13.27
N SER A 267 -10.17 8.92 12.28
CA SER A 267 -11.16 9.94 12.57
C SER A 267 -12.50 9.36 13.00
N TYR A 268 -12.68 8.05 12.87
CA TYR A 268 -13.86 7.37 13.38
C TYR A 268 -13.62 6.72 14.73
N VAL A 269 -12.40 6.81 15.25
CA VAL A 269 -12.12 6.44 16.63
C VAL A 269 -12.65 7.55 17.53
N ARG A 270 -13.38 7.15 18.58
CA ARG A 270 -14.04 8.12 19.45
C ARG A 270 -13.01 9.00 20.17
N LYS A 271 -13.51 10.07 20.79
CA LYS A 271 -12.66 11.13 21.31
C LYS A 271 -11.59 10.61 22.25
N ASP A 272 -11.97 9.74 23.18
CA ASP A 272 -11.06 9.29 24.23
C ASP A 272 -10.60 7.85 24.06
N GLN A 273 -11.02 7.16 23.00
CA GLN A 273 -10.62 5.77 22.81
C GLN A 273 -9.13 5.67 22.54
N ASP A 274 -8.53 4.58 23.04
CA ASP A 274 -7.09 4.39 22.92
C ASP A 274 -6.66 4.31 21.47
N ILE A 275 -5.53 4.95 21.17
CA ILE A 275 -4.85 4.79 19.89
C ILE A 275 -3.42 4.31 20.04
N VAL A 276 -2.79 4.51 21.20
CA VAL A 276 -1.38 4.14 21.37
C VAL A 276 -1.22 2.63 21.25
N LEU A 277 -1.97 1.88 22.06
CA LEU A 277 -1.88 0.42 22.01
C LEU A 277 -2.52 -0.12 20.73
N SER A 278 -3.69 0.41 20.35
CA SER A 278 -4.37 -0.08 19.16
C SER A 278 -3.54 0.20 17.90
N GLY A 279 -2.77 1.27 17.89
CA GLY A 279 -1.92 1.58 16.76
C GLY A 279 -0.67 0.72 16.73
N LEU A 280 -0.10 0.47 17.91
CA LEU A 280 1.09 -0.38 17.98
C LEU A 280 0.76 -1.83 17.61
N THR A 281 -0.43 -2.30 17.97
CA THR A 281 -0.84 -3.66 17.62
C THR A 281 -1.04 -3.78 16.11
N ALA A 282 -1.76 -2.83 15.52
CA ALA A 282 -1.99 -2.88 14.07
C ALA A 282 -0.67 -2.78 13.31
N ALA A 283 0.27 -1.97 13.81
CA ALA A 283 1.57 -1.85 13.15
C ALA A 283 2.41 -3.10 13.35
N THR A 284 2.35 -3.70 14.55
CA THR A 284 3.08 -4.94 14.79
C THR A 284 2.50 -6.08 13.96
N LEU A 285 1.17 -6.10 13.79
CA LEU A 285 0.55 -7.10 12.93
C LEU A 285 1.06 -6.96 11.49
N ASN A 286 1.24 -5.72 11.03
CA ASN A 286 1.72 -5.48 9.67
C ASN A 286 3.15 -5.97 9.50
N GLU A 287 4.02 -5.72 10.50
CA GLU A 287 5.42 -6.05 10.36
C GLU A 287 5.64 -7.55 10.37
N LYS A 288 5.04 -8.26 11.33
CA LYS A 288 5.24 -9.71 11.43
C LYS A 288 4.60 -10.45 10.26
N ALA A 289 3.47 -9.94 9.75
CA ALA A 289 2.78 -10.65 8.68
C ALA A 289 3.56 -10.58 7.37
N GLU A 290 4.32 -9.53 7.14
CA GLU A 290 5.10 -9.43 5.91
C GLU A 290 6.48 -10.07 6.03
N VAL A 291 7.03 -10.15 7.23
CA VAL A 291 8.34 -10.77 7.41
C VAL A 291 8.21 -12.28 7.41
N ILE A 292 7.26 -12.81 8.17
CA ILE A 292 7.07 -14.26 8.27
C ILE A 292 6.37 -14.78 7.04
N LEU A 293 5.10 -14.41 6.86
CA LEU A 293 4.32 -14.95 5.75
C LEU A 293 4.88 -14.51 4.41
N GLY A 294 5.23 -13.22 4.29
CA GLY A 294 5.72 -12.72 3.02
C GLY A 294 7.08 -13.28 2.63
N GLY A 295 7.99 -13.39 3.60
CA GLY A 295 9.30 -13.96 3.35
C GLY A 295 9.35 -15.47 3.22
N SER A 296 8.24 -16.16 3.45
CA SER A 296 8.20 -17.61 3.37
C SER A 296 7.55 -18.13 2.09
N ILE A 297 6.97 -17.25 1.27
CA ILE A 297 6.22 -17.68 0.09
C ILE A 297 6.98 -17.33 -1.18
N SER A 298 7.06 -16.05 -1.50
CA SER A 298 7.41 -15.60 -2.84
C SER A 298 8.83 -16.01 -3.23
N ILE A 299 9.82 -15.55 -2.48
CA ILE A 299 11.22 -15.81 -2.81
C ILE A 299 11.59 -17.27 -2.56
N PRO A 300 11.20 -17.90 -1.44
CA PRO A 300 11.50 -19.34 -1.30
C PRO A 300 10.96 -20.18 -2.44
N ALA A 301 9.75 -19.90 -2.91
CA ALA A 301 9.22 -20.63 -4.06
C ALA A 301 10.02 -20.31 -5.32
N ALA A 302 10.54 -19.09 -5.44
CA ALA A 302 11.30 -18.73 -6.63
C ALA A 302 12.66 -19.40 -6.63
N VAL A 303 13.41 -19.27 -5.54
CA VAL A 303 14.75 -19.85 -5.48
C VAL A 303 14.68 -21.37 -5.53
N ALA A 304 13.60 -21.96 -5.02
CA ALA A 304 13.47 -23.42 -5.07
C ALA A 304 13.33 -23.91 -6.50
N PHE A 305 12.61 -23.16 -7.33
CA PHE A 305 12.29 -23.65 -8.68
C PHE A 305 13.44 -23.41 -9.65
N PHE A 306 14.06 -22.24 -9.60
CA PHE A 306 15.13 -21.89 -10.52
C PHE A 306 16.52 -22.14 -9.97
N GLY A 307 16.69 -22.14 -8.66
CA GLY A 307 17.97 -22.41 -8.03
C GLY A 307 18.58 -21.15 -7.44
N VAL A 308 19.66 -21.37 -6.69
CA VAL A 308 20.44 -20.27 -6.13
C VAL A 308 21.14 -19.49 -7.24
N ALA A 309 21.39 -20.12 -8.39
CA ALA A 309 22.07 -19.44 -9.49
C ALA A 309 21.25 -18.25 -9.99
N ASN A 310 19.94 -18.42 -10.12
CA ASN A 310 19.06 -17.36 -10.57
C ASN A 310 18.51 -16.52 -9.43
N ALA A 311 18.87 -16.83 -8.18
CA ALA A 311 18.33 -16.09 -7.04
C ALA A 311 18.67 -14.61 -7.12
N VAL A 312 19.87 -14.29 -7.62
CA VAL A 312 20.23 -12.89 -7.82
C VAL A 312 19.38 -12.26 -8.92
N ALA A 313 19.15 -13.01 -10.00
CA ALA A 313 18.34 -12.48 -11.10
C ALA A 313 16.88 -12.30 -10.68
N ILE A 314 16.36 -13.21 -9.86
CA ILE A 314 15.00 -13.08 -9.37
C ILE A 314 14.84 -11.81 -8.54
N ALA A 315 15.85 -11.50 -7.72
CA ALA A 315 15.78 -10.29 -6.89
C ALA A 315 15.78 -9.03 -7.75
N LYS A 316 16.76 -8.91 -8.65
CA LYS A 316 16.83 -7.75 -9.53
C LYS A 316 15.63 -7.67 -10.46
N ALA A 317 14.93 -8.79 -10.69
CA ALA A 317 13.75 -8.75 -11.56
C ALA A 317 12.64 -7.90 -10.96
N GLY A 318 12.59 -7.81 -9.64
CA GLY A 318 11.64 -6.95 -8.97
C GLY A 318 10.50 -7.74 -8.34
N ALA A 319 9.76 -7.03 -7.49
CA ALA A 319 8.68 -7.66 -6.72
C ALA A 319 7.45 -7.93 -7.59
N PHE A 320 7.13 -7.01 -8.49
CA PHE A 320 5.92 -7.17 -9.31
C PHE A 320 6.08 -8.34 -10.28
N ASN A 321 7.24 -8.45 -10.93
CA ASN A 321 7.48 -9.58 -11.82
C ASN A 321 7.41 -10.90 -11.07
N LEU A 322 7.77 -10.90 -9.78
CA LEU A 322 7.73 -12.12 -8.99
C LEU A 322 6.29 -12.58 -8.77
N GLY A 323 5.37 -11.65 -8.56
CA GLY A 323 4.01 -12.00 -8.20
C GLY A 323 3.04 -12.16 -9.36
N PHE A 324 3.41 -11.65 -10.54
CA PHE A 324 2.53 -11.72 -11.70
C PHE A 324 3.13 -12.50 -12.87
N ILE A 325 4.41 -12.87 -12.81
CA ILE A 325 5.04 -13.63 -13.88
C ILE A 325 5.68 -14.88 -13.32
N THR A 326 6.56 -14.72 -12.34
CA THR A 326 7.39 -15.82 -11.85
C THR A 326 6.56 -16.86 -11.09
N LEU A 327 5.91 -16.44 -10.01
CA LEU A 327 5.13 -17.38 -9.20
C LEU A 327 4.03 -18.08 -9.99
N PRO A 328 3.25 -17.41 -10.85
CA PRO A 328 2.28 -18.17 -11.67
C PRO A 328 2.95 -19.19 -12.58
N ALA A 329 4.13 -18.86 -13.12
CA ALA A 329 4.85 -19.83 -13.94
C ALA A 329 5.39 -20.99 -13.11
N ILE A 330 5.77 -20.71 -11.85
CA ILE A 330 6.23 -21.77 -10.96
C ILE A 330 5.08 -22.68 -10.59
N PHE A 331 3.94 -22.09 -10.20
CA PHE A 331 2.77 -22.89 -9.88
C PHE A 331 2.30 -23.71 -11.07
N SER A 332 2.52 -23.20 -12.29
CA SER A 332 2.14 -23.94 -13.49
C SER A 332 2.82 -25.30 -13.56
N GLN A 333 4.02 -25.43 -13.00
CA GLN A 333 4.81 -26.65 -13.10
C GLN A 333 4.82 -27.46 -11.81
N THR A 334 3.80 -27.30 -10.97
CA THR A 334 3.73 -28.00 -9.69
C THR A 334 2.39 -28.71 -9.57
N ALA A 335 2.37 -29.73 -8.70
CA ALA A 335 1.19 -30.57 -8.52
C ALA A 335 0.03 -29.76 -7.98
N GLY A 336 -1.09 -29.75 -8.72
CA GLY A 336 -2.23 -28.94 -8.32
C GLY A 336 -1.93 -27.46 -8.32
N GLY A 337 -1.11 -27.00 -9.27
CA GLY A 337 -0.69 -25.61 -9.30
C GLY A 337 -1.70 -24.65 -9.89
N THR A 338 -2.59 -25.12 -10.76
CA THR A 338 -3.65 -24.27 -11.26
C THR A 338 -4.54 -23.78 -10.12
N PHE A 339 -4.76 -24.64 -9.12
CA PHE A 339 -5.45 -24.20 -7.91
C PHE A 339 -4.54 -23.37 -7.02
N LEU A 340 -3.24 -23.66 -7.02
CA LEU A 340 -2.30 -22.90 -6.22
C LEU A 340 -2.19 -21.47 -6.72
N GLY A 341 -2.20 -21.27 -8.04
CA GLY A 341 -2.21 -19.93 -8.58
C GLY A 341 -3.48 -19.17 -8.27
N PHE A 342 -4.61 -19.87 -8.21
CA PHE A 342 -5.85 -19.23 -7.79
C PHE A 342 -5.74 -18.68 -6.38
N LEU A 343 -5.18 -19.46 -5.45
CA LEU A 343 -5.07 -19.01 -4.07
C LEU A 343 -4.14 -17.81 -3.95
N TRP A 344 -3.06 -17.79 -4.74
CA TRP A 344 -2.13 -16.67 -4.67
C TRP A 344 -2.79 -15.38 -5.12
N PHE A 345 -3.50 -15.42 -6.24
CA PHE A 345 -4.19 -14.22 -6.72
C PHE A 345 -5.47 -13.94 -5.94
N PHE A 346 -6.09 -14.98 -5.37
CA PHE A 346 -7.18 -14.74 -4.43
C PHE A 346 -6.66 -14.05 -3.18
N LEU A 347 -5.48 -14.44 -2.71
CA LEU A 347 -4.86 -13.76 -1.57
C LEU A 347 -4.56 -12.31 -1.89
N LEU A 348 -3.93 -12.05 -3.04
CA LEU A 348 -3.59 -10.68 -3.41
C LEU A 348 -4.83 -9.82 -3.59
N PHE A 349 -5.89 -10.41 -4.14
CA PHE A 349 -7.12 -9.64 -4.36
C PHE A 349 -7.75 -9.23 -3.04
N PHE A 350 -8.02 -10.20 -2.16
CA PHE A 350 -8.65 -9.89 -0.88
C PHE A 350 -7.75 -9.05 0.01
N ALA A 351 -6.44 -9.24 -0.07
CA ALA A 351 -5.52 -8.34 0.64
C ALA A 351 -5.62 -6.93 0.07
N GLY A 352 -5.58 -6.81 -1.26
CA GLY A 352 -5.72 -5.50 -1.88
C GLY A 352 -7.07 -4.86 -1.62
N LEU A 353 -8.11 -5.67 -1.43
CA LEU A 353 -9.44 -5.14 -1.17
C LEU A 353 -9.45 -4.31 0.11
N HIS A 354 -8.65 -4.70 1.12
CA HIS A 354 -8.55 -3.90 2.32
C HIS A 354 -7.92 -2.54 2.04
N SER A 355 -6.92 -2.51 1.15
CA SER A 355 -6.20 -1.28 0.88
C SER A 355 -6.98 -0.34 -0.04
N SER A 356 -7.74 -0.88 -0.98
CA SER A 356 -8.48 -0.03 -1.91
C SER A 356 -9.63 0.69 -1.21
N ILE A 357 -10.39 -0.02 -0.37
CA ILE A 357 -11.48 0.63 0.35
C ILE A 357 -10.93 1.69 1.30
N ALA A 358 -9.74 1.48 1.84
CA ALA A 358 -9.12 2.45 2.72
C ALA A 358 -8.53 3.62 1.96
N ILE A 359 -8.10 3.39 0.72
CA ILE A 359 -7.49 4.45 -0.08
C ILE A 359 -8.53 5.33 -0.76
N MET A 360 -9.81 4.92 -0.72
CA MET A 360 -10.90 5.74 -1.24
C MET A 360 -11.74 6.36 -0.13
N GLN A 361 -11.60 5.88 1.11
CA GLN A 361 -12.34 6.48 2.22
C GLN A 361 -11.98 7.95 2.49
N PRO A 362 -10.74 8.41 2.30
CA PRO A 362 -10.48 9.86 2.50
C PRO A 362 -11.29 10.74 1.58
N MET A 363 -11.43 10.36 0.30
CA MET A 363 -12.28 11.13 -0.61
C MET A 363 -13.73 11.06 -0.19
N ILE A 364 -14.18 9.90 0.31
CA ILE A 364 -15.54 9.77 0.79
C ILE A 364 -15.75 10.60 2.06
N ALA A 365 -14.78 10.53 2.98
CA ALA A 365 -14.89 11.29 4.22
C ALA A 365 -14.89 12.79 3.95
N PHE A 366 -14.12 13.23 2.95
CA PHE A 366 -14.12 14.64 2.60
C PHE A 366 -15.48 15.07 2.08
N LEU A 367 -16.03 14.32 1.12
CA LEU A 367 -17.36 14.64 0.58
C LEU A 367 -18.43 14.58 1.66
N GLU A 368 -18.22 13.76 2.70
CA GLU A 368 -19.17 13.68 3.79
C GLU A 368 -18.98 14.81 4.79
N ASP A 369 -17.75 14.97 5.31
CA ASP A 369 -17.52 15.90 6.42
C ASP A 369 -17.58 17.35 5.95
N GLU A 370 -16.98 17.65 4.80
CA GLU A 370 -16.81 19.04 4.37
C GLU A 370 -17.88 19.50 3.38
N LEU A 371 -18.37 18.64 2.51
CA LEU A 371 -19.41 19.00 1.55
C LEU A 371 -20.79 18.47 1.93
N LYS A 372 -20.89 17.76 3.05
CA LYS A 372 -22.18 17.35 3.62
C LYS A 372 -22.99 16.46 2.67
N LEU A 373 -22.30 15.67 1.86
CA LEU A 373 -22.98 14.68 1.03
C LEU A 373 -23.27 13.43 1.84
N SER A 374 -24.32 12.70 1.43
CA SER A 374 -24.62 11.42 2.04
C SER A 374 -23.52 10.42 1.73
N ARG A 375 -23.43 9.38 2.56
CA ARG A 375 -22.46 8.32 2.31
C ARG A 375 -22.70 7.66 0.96
N LYS A 376 -23.96 7.46 0.60
CA LYS A 376 -24.30 6.89 -0.71
C LYS A 376 -23.75 7.75 -1.83
N HIS A 377 -24.03 9.05 -1.81
CA HIS A 377 -23.56 9.94 -2.86
C HIS A 377 -22.05 10.13 -2.80
N ALA A 378 -21.47 10.12 -1.61
CA ALA A 378 -20.02 10.26 -1.49
C ALA A 378 -19.28 9.05 -2.04
N VAL A 379 -19.80 7.85 -1.76
CA VAL A 379 -19.18 6.63 -2.29
C VAL A 379 -19.26 6.60 -3.81
N LEU A 380 -20.46 6.90 -4.35
CA LEU A 380 -20.66 6.76 -5.79
C LEU A 380 -19.92 7.84 -6.56
N TRP A 381 -19.87 9.07 -6.04
CA TRP A 381 -19.08 10.10 -6.71
C TRP A 381 -17.60 9.79 -6.66
N THR A 382 -17.12 9.29 -5.51
CA THR A 382 -15.74 8.83 -5.42
C THR A 382 -15.48 7.70 -6.42
N ALA A 383 -16.42 6.74 -6.49
CA ALA A 383 -16.28 5.66 -7.46
C ALA A 383 -16.28 6.17 -8.88
N ALA A 384 -17.14 7.16 -9.18
CA ALA A 384 -17.19 7.71 -10.54
C ALA A 384 -15.90 8.44 -10.89
N ILE A 385 -15.36 9.22 -9.95
CA ILE A 385 -14.11 9.93 -10.21
C ILE A 385 -12.98 8.94 -10.44
N VAL A 386 -12.93 7.88 -9.64
CA VAL A 386 -11.84 6.90 -9.76
C VAL A 386 -12.01 6.07 -11.03
N PHE A 387 -13.23 5.60 -11.30
CA PHE A 387 -13.45 4.76 -12.48
C PHE A 387 -13.18 5.53 -13.76
N PHE A 388 -13.62 6.78 -13.83
CA PHE A 388 -13.37 7.59 -15.03
C PHE A 388 -11.88 7.84 -15.20
N SER A 389 -11.22 8.33 -14.16
CA SER A 389 -9.80 8.67 -14.27
C SER A 389 -8.94 7.45 -14.56
N ALA A 390 -9.40 6.26 -14.14
CA ALA A 390 -8.62 5.05 -14.37
C ALA A 390 -8.49 4.72 -15.85
N HIS A 391 -9.38 5.25 -16.70
CA HIS A 391 -9.24 5.03 -18.13
C HIS A 391 -7.93 5.59 -18.65
N LEU A 392 -7.37 6.61 -17.98
CA LEU A 392 -6.05 7.09 -18.36
C LEU A 392 -4.99 6.05 -18.07
N VAL A 393 -5.14 5.30 -16.98
CA VAL A 393 -4.20 4.23 -16.67
C VAL A 393 -4.43 3.01 -17.55
N MET A 394 -5.68 2.74 -17.93
CA MET A 394 -5.99 1.54 -18.68
C MET A 394 -5.57 1.63 -20.15
N PHE A 395 -5.37 2.83 -20.68
CA PHE A 395 -5.11 2.99 -22.12
C PHE A 395 -3.82 3.73 -22.45
N LEU A 396 -3.22 4.46 -21.51
CA LEU A 396 -2.02 5.23 -21.78
C LEU A 396 -0.81 4.51 -21.19
N ASN A 397 0.14 4.14 -22.06
CA ASN A 397 1.31 3.42 -21.62
C ASN A 397 2.17 4.29 -20.70
N LYS A 398 2.72 3.68 -19.65
CA LYS A 398 3.55 4.31 -18.63
C LYS A 398 2.81 5.40 -17.85
N SER A 399 1.50 5.55 -18.05
CA SER A 399 0.74 6.49 -17.22
C SER A 399 0.66 6.00 -15.79
N LEU A 400 0.53 4.68 -15.60
CA LEU A 400 0.53 4.11 -14.26
C LEU A 400 1.82 4.45 -13.53
N ASP A 401 2.96 4.35 -14.22
CA ASP A 401 4.25 4.63 -13.59
C ASP A 401 4.31 6.08 -13.11
N GLU A 402 3.80 7.02 -13.92
CA GLU A 402 3.89 8.43 -13.57
C GLU A 402 3.08 8.75 -12.32
N MET A 403 1.86 8.20 -12.21
CA MET A 403 1.07 8.38 -11.01
C MET A 403 1.72 7.69 -9.81
N ASP A 404 2.23 6.48 -10.01
CA ASP A 404 2.86 5.74 -8.91
C ASP A 404 4.10 6.47 -8.40
N PHE A 405 4.74 7.28 -9.25
CA PHE A 405 5.94 7.99 -8.83
C PHE A 405 5.60 9.23 -8.01
N TRP A 406 4.70 10.07 -8.51
CA TRP A 406 4.41 11.33 -7.82
C TRP A 406 3.58 11.11 -6.56
N ALA A 407 2.59 10.23 -6.62
CA ALA A 407 1.73 10.01 -5.46
C ALA A 407 2.22 8.86 -4.59
N GLY A 408 2.55 7.72 -5.20
CA GLY A 408 2.90 6.55 -4.42
C GLY A 408 4.29 6.59 -3.84
N THR A 409 5.24 7.21 -4.56
CA THR A 409 6.63 7.21 -4.11
C THR A 409 6.99 8.49 -3.37
N ILE A 410 7.17 9.58 -4.11
CA ILE A 410 7.61 10.83 -3.49
C ILE A 410 6.51 11.39 -2.60
N GLY A 411 5.25 11.22 -3.00
CA GLY A 411 4.16 11.89 -2.31
C GLY A 411 4.03 11.48 -0.86
N VAL A 412 4.01 10.17 -0.59
CA VAL A 412 3.78 9.70 0.77
C VAL A 412 4.94 10.07 1.67
N VAL A 413 6.16 10.12 1.14
CA VAL A 413 7.31 10.51 1.96
C VAL A 413 7.28 12.01 2.20
N PHE A 414 6.94 12.80 1.18
CA PHE A 414 6.79 14.24 1.37
C PHE A 414 5.65 14.55 2.33
N PHE A 415 4.51 13.87 2.18
CA PHE A 415 3.37 14.15 3.04
C PHE A 415 3.59 13.62 4.45
N GLY A 416 4.30 12.50 4.59
CA GLY A 416 4.63 12.00 5.91
C GLY A 416 5.49 12.97 6.70
N LEU A 417 6.44 13.62 6.02
CA LEU A 417 7.22 14.67 6.65
C LEU A 417 6.35 15.88 6.99
N THR A 418 5.34 16.15 6.17
CA THR A 418 4.45 17.29 6.43
C THR A 418 3.62 17.06 7.69
N GLU A 419 3.07 15.85 7.85
CA GLU A 419 2.29 15.53 9.04
C GLU A 419 3.12 15.76 10.30
N LEU A 420 4.37 15.29 10.30
CA LEU A 420 5.17 15.33 11.52
C LEU A 420 5.59 16.75 11.85
N ILE A 421 5.66 17.64 10.87
CA ILE A 421 6.05 19.03 11.11
C ILE A 421 4.85 19.86 11.58
N ILE A 422 3.70 19.74 10.92
CA ILE A 422 2.53 20.51 11.31
C ILE A 422 2.06 20.12 12.70
N PHE A 423 2.17 18.84 13.04
CA PHE A 423 1.64 18.32 14.29
C PHE A 423 2.62 18.47 15.45
N PHE A 424 3.88 18.12 15.24
CA PHE A 424 4.86 18.09 16.33
C PHE A 424 5.68 19.36 16.45
N TRP A 425 5.59 20.27 15.48
CA TRP A 425 6.29 21.55 15.54
C TRP A 425 5.35 22.74 15.53
N ILE A 426 4.45 22.83 14.53
CA ILE A 426 3.57 23.97 14.44
C ILE A 426 2.49 23.91 15.50
N PHE A 427 1.80 22.77 15.61
CA PHE A 427 0.76 22.61 16.61
C PHE A 427 1.32 22.61 18.03
N GLY A 428 2.62 22.31 18.20
CA GLY A 428 3.21 22.25 19.52
C GLY A 428 3.56 20.83 19.92
N ALA A 429 4.82 20.58 20.24
CA ALA A 429 5.26 19.23 20.59
C ALA A 429 4.58 18.74 21.85
N ASP A 430 4.56 19.58 22.91
CA ASP A 430 3.86 19.21 24.14
C ASP A 430 2.37 19.01 23.87
N LYS A 431 1.75 19.92 23.12
CA LYS A 431 0.35 19.77 22.77
C LYS A 431 0.12 18.49 21.97
N ALA A 432 1.04 18.17 21.06
CA ALA A 432 0.91 16.95 20.27
C ALA A 432 1.12 15.71 21.14
N TRP A 433 2.09 15.78 22.08
CA TRP A 433 2.36 14.63 22.94
C TRP A 433 1.15 14.33 23.83
N GLU A 434 0.50 15.37 24.34
CA GLU A 434 -0.74 15.17 25.11
C GLU A 434 -1.79 14.47 24.27
N GLU A 435 -1.90 14.85 22.99
CA GLU A 435 -2.97 14.32 22.15
C GLU A 435 -2.78 12.84 21.86
N ILE A 436 -1.53 12.41 21.69
CA ILE A 436 -1.28 11.00 21.34
C ILE A 436 -1.54 10.11 22.55
N ASN A 437 -0.86 10.37 23.65
CA ASN A 437 -0.93 9.52 24.84
C ASN A 437 -2.26 9.64 25.57
N ARG A 438 -3.15 10.53 25.17
CA ARG A 438 -4.40 10.71 25.90
C ARG A 438 -5.30 9.50 25.72
N GLY A 439 -5.82 8.99 26.84
CA GLY A 439 -6.67 7.82 26.81
C GLY A 439 -5.98 6.55 26.37
N GLY A 440 -4.65 6.50 26.46
CA GLY A 440 -3.93 5.32 26.01
C GLY A 440 -3.90 4.25 27.08
N ILE A 441 -4.31 3.03 26.70
CA ILE A 441 -4.16 1.88 27.58
C ILE A 441 -2.69 1.74 28.01
N ILE A 442 -1.78 1.91 27.07
CA ILE A 442 -0.36 2.06 27.33
C ILE A 442 0.05 3.43 26.81
N LYS A 443 1.02 4.05 27.48
CA LYS A 443 1.50 5.36 27.09
C LYS A 443 2.82 5.22 26.32
N VAL A 444 2.97 6.05 25.30
CA VAL A 444 4.21 6.04 24.51
C VAL A 444 5.39 6.35 25.42
N PRO A 445 6.48 5.58 25.38
CA PRO A 445 7.64 5.92 26.19
C PRO A 445 8.20 7.28 25.78
N ARG A 446 8.71 8.02 26.77
CA ARG A 446 9.24 9.36 26.51
C ARG A 446 10.48 9.35 25.63
N ILE A 447 11.02 8.17 25.31
CA ILE A 447 12.15 8.11 24.38
C ILE A 447 11.72 8.56 23.00
N TYR A 448 10.46 8.30 22.62
CA TYR A 448 9.95 8.68 21.32
C TYR A 448 9.65 10.16 21.21
N TYR A 449 9.85 10.93 22.26
CA TYR A 449 9.66 12.38 22.17
C TYR A 449 10.80 13.01 21.38
N TYR A 450 12.05 12.68 21.74
CA TYR A 450 13.19 13.13 20.95
C TYR A 450 13.18 12.52 19.56
N VAL A 451 12.65 11.30 19.43
CA VAL A 451 12.60 10.63 18.14
C VAL A 451 11.61 11.35 17.20
N MET A 452 10.41 11.64 17.70
CA MET A 452 9.41 12.31 16.88
C MET A 452 9.84 13.73 16.50
N ARG A 453 10.59 14.41 17.37
CA ARG A 453 10.91 15.81 17.15
C ARG A 453 12.19 16.03 16.34
N TYR A 454 13.10 15.06 16.34
CA TYR A 454 14.39 15.26 15.68
C TYR A 454 14.75 14.10 14.75
N ILE A 455 14.66 12.88 15.26
CA ILE A 455 15.19 11.72 14.53
C ILE A 455 14.32 11.42 13.32
N THR A 456 13.03 11.22 13.53
CA THR A 456 12.14 10.88 12.42
C THR A 456 12.07 11.96 11.34
N PRO A 457 12.00 13.26 11.65
CA PRO A 457 12.05 14.26 10.57
C PRO A 457 13.39 14.29 9.85
N ALA A 458 14.49 14.05 10.55
CA ALA A 458 15.79 14.00 9.91
C ALA A 458 15.85 12.84 8.92
N PHE A 459 15.37 11.66 9.33
CA PHE A 459 15.34 10.51 8.43
C PHE A 459 14.54 10.82 7.17
N LEU A 460 13.34 11.38 7.33
CA LEU A 460 12.52 11.71 6.17
C LEU A 460 13.15 12.82 5.34
N ALA A 461 13.88 13.74 5.98
CA ALA A 461 14.55 14.80 5.23
C ALA A 461 15.72 14.24 4.43
N VAL A 462 16.50 13.35 5.04
CA VAL A 462 17.61 12.72 4.31
C VAL A 462 17.07 11.91 3.14
N LEU A 463 15.97 11.18 3.36
CA LEU A 463 15.42 10.34 2.30
C LEU A 463 14.89 11.18 1.14
N LEU A 464 14.22 12.29 1.45
CA LEU A 464 13.64 13.12 0.40
C LEU A 464 14.72 13.72 -0.49
N VAL A 465 15.84 14.15 0.11
CA VAL A 465 16.93 14.73 -0.68
C VAL A 465 17.58 13.66 -1.57
N VAL A 466 17.77 12.46 -1.03
CA VAL A 466 18.37 11.38 -1.81
C VAL A 466 17.56 11.12 -3.07
N TRP A 467 16.22 11.08 -2.93
CA TRP A 467 15.38 10.92 -4.11
C TRP A 467 15.32 12.21 -4.94
N ALA A 468 15.48 13.37 -4.30
CA ALA A 468 15.55 14.62 -5.03
C ALA A 468 16.84 14.74 -5.84
N ARG A 469 17.90 14.04 -5.43
CA ARG A 469 19.13 14.03 -6.21
C ARG A 469 19.12 12.93 -7.26
N GLU A 470 18.80 11.71 -6.85
CA GLU A 470 18.88 10.57 -7.75
C GLU A 470 17.73 10.58 -8.76
N TYR A 471 16.49 10.76 -8.29
CA TYR A 471 15.33 10.58 -9.14
C TYR A 471 14.61 11.89 -9.44
N ILE A 472 15.35 12.91 -9.87
CA ILE A 472 14.73 14.15 -10.36
C ILE A 472 14.68 14.13 -11.88
N PRO A 473 15.76 13.71 -12.59
CA PRO A 473 15.59 13.72 -14.05
C PRO A 473 15.34 12.32 -14.62
N THR A 479 12.04 12.39 -22.42
CA THR A 479 11.25 12.00 -23.58
C THR A 479 9.90 11.41 -23.14
N HIS A 480 9.26 10.68 -24.06
CA HIS A 480 7.97 10.05 -23.82
C HIS A 480 6.94 11.07 -23.35
N TRP A 481 6.31 11.76 -24.30
CA TRP A 481 5.39 12.85 -24.00
C TRP A 481 4.09 12.38 -23.36
N THR A 482 3.83 11.08 -23.32
CA THR A 482 2.60 10.60 -22.70
C THR A 482 2.60 10.80 -21.19
N VAL A 483 3.76 10.96 -20.57
CA VAL A 483 3.80 11.28 -19.15
C VAL A 483 3.36 12.71 -18.90
N TRP A 484 3.49 13.59 -19.90
CA TRP A 484 2.99 14.96 -19.73
C TRP A 484 1.47 14.97 -19.62
N ILE A 485 0.79 14.09 -20.36
CA ILE A 485 -0.66 13.99 -20.23
C ILE A 485 -1.04 13.55 -18.83
N THR A 486 -0.30 12.59 -18.26
CA THR A 486 -0.57 12.13 -16.91
C THR A 486 -0.27 13.23 -15.90
N ARG A 487 0.85 13.93 -16.04
CA ARG A 487 1.15 15.06 -15.17
C ARG A 487 0.08 16.14 -15.30
N PHE A 488 -0.40 16.38 -16.52
CA PHE A 488 -1.46 17.36 -16.73
C PHE A 488 -2.73 16.96 -15.99
N TYR A 489 -3.07 15.68 -16.01
CA TYR A 489 -4.33 15.24 -15.43
C TYR A 489 -4.30 15.26 -13.90
N ILE A 490 -3.21 14.78 -13.30
CA ILE A 490 -3.16 14.73 -11.84
C ILE A 490 -3.02 16.13 -11.26
N ILE A 491 -2.37 17.05 -11.99
CA ILE A 491 -2.33 18.44 -11.55
C ILE A 491 -3.72 19.05 -11.59
N GLY A 492 -4.51 18.72 -12.63
CA GLY A 492 -5.88 19.18 -12.68
C GLY A 492 -6.73 18.63 -11.55
N LEU A 493 -6.50 17.37 -11.17
CA LEU A 493 -7.17 16.79 -10.01
C LEU A 493 -6.86 17.59 -8.75
N PHE A 494 -5.61 18.06 -8.62
CA PHE A 494 -5.27 18.92 -7.49
C PHE A 494 -6.06 20.24 -7.54
N LEU A 495 -6.19 20.82 -8.73
CA LEU A 495 -7.01 22.02 -8.87
C LEU A 495 -8.48 21.71 -8.58
N PHE A 496 -8.93 20.51 -8.97
CA PHE A 496 -10.29 20.11 -8.69
C PHE A 496 -10.54 19.99 -7.18
N LEU A 497 -9.63 19.32 -6.48
CA LEU A 497 -9.80 19.16 -5.03
C LEU A 497 -9.65 20.48 -4.31
N THR A 498 -8.71 21.33 -4.75
CA THR A 498 -8.57 22.65 -4.17
C THR A 498 -9.85 23.46 -4.34
N PHE A 499 -10.52 23.32 -5.48
CA PHE A 499 -11.78 24.00 -5.69
C PHE A 499 -12.88 23.46 -4.78
N LEU A 500 -12.88 22.15 -4.54
CA LEU A 500 -13.85 21.58 -3.61
C LEU A 500 -13.57 22.04 -2.18
N VAL A 501 -12.29 22.06 -1.78
CA VAL A 501 -11.94 22.61 -0.48
C VAL A 501 -12.37 24.06 -0.39
N PHE A 502 -12.18 24.82 -1.48
CA PHE A 502 -12.67 26.19 -1.52
C PHE A 502 -14.18 26.25 -1.39
N LEU A 503 -14.90 25.38 -2.10
CA LEU A 503 -16.36 25.35 -2.00
C LEU A 503 -16.81 24.97 -0.59
N ALA A 504 -16.02 24.15 0.11
CA ALA A 504 -16.38 23.79 1.48
C ALA A 504 -16.24 24.98 2.41
N GLU A 505 -15.31 25.89 2.13
CA GLU A 505 -15.16 27.08 2.96
C GLU A 505 -16.37 28.01 2.80
N ARG A 506 -16.87 28.15 1.58
CA ARG A 506 -18.02 29.02 1.35
C ARG A 506 -19.27 28.48 2.05
N ARG A 507 -19.39 27.17 2.19
CA ARG A 507 -20.52 26.56 2.89
C ARG A 507 -20.33 26.60 4.40
C1 BOG B . 6.90 -2.99 -6.99
O1 BOG B . 6.00 -4.01 -6.93
C2 BOG B . 7.56 -2.96 -8.36
O2 BOG B . 8.35 -4.14 -8.54
C3 BOG B . 8.43 -1.77 -8.48
O3 BOG B . 9.02 -1.74 -9.81
C4 BOG B . 7.67 -0.50 -8.24
O4 BOG B . 8.57 0.61 -8.33
C5 BOG B . 7.03 -0.51 -6.86
O5 BOG B . 6.17 -1.71 -6.68
C6 BOG B . 6.19 0.71 -6.68
O6 BOG B . 5.32 0.52 -5.61
C1' BOG B . 5.25 -4.02 -5.75
C2' BOG B . 4.20 -5.13 -5.81
C3' BOG B . 2.81 -4.49 -5.78
C4' BOG B . 1.80 -5.45 -6.41
C5' BOG B . 0.60 -5.57 -5.49
C6' BOG B . -0.64 -5.88 -6.30
C7' BOG B . -1.85 -5.30 -5.58
C8' BOG B . -3.12 -6.03 -6.01
C1 BOG C . 5.57 -1.58 -12.62
O1 BOG C . 4.37 -2.08 -13.04
C2 BOG C . 6.73 -2.30 -13.28
O2 BOG C . 6.68 -3.68 -12.89
C3 BOG C . 8.04 -1.74 -12.81
O3 BOG C . 9.11 -2.33 -13.60
C4 BOG C . 8.11 -0.25 -12.89
O4 BOG C . 9.28 0.21 -12.20
C5 BOG C . 6.89 0.43 -12.26
O5 BOG C . 5.64 -0.10 -12.83
C6 BOG C . 6.97 1.91 -12.49
O6 BOG C . 7.91 2.47 -11.61
C1' BOG C . 3.29 -1.67 -12.23
C2' BOG C . 3.39 -2.24 -10.81
C3' BOG C . 3.74 -1.15 -9.80
C4' BOG C . 3.33 -1.58 -8.40
C5' BOG C . 1.93 -1.07 -8.15
C6' BOG C . 1.95 -0.01 -7.07
C7' BOG C . 1.22 -0.55 -5.85
C8' BOG C . 0.73 0.61 -4.99
C1 BOG D . -13.42 -1.05 -24.40
O1 BOG D . -13.88 -0.34 -23.33
C2 BOG D . -12.36 -2.05 -23.94
O2 BOG D . -11.22 -1.33 -23.42
C3 BOG D . -11.91 -2.94 -25.03
O3 BOG D . -11.04 -3.96 -24.48
C4 BOG D . -13.06 -3.61 -25.73
O4 BOG D . -12.55 -4.31 -26.88
C5 BOG D . -14.12 -2.62 -26.18
O5 BOG D . -14.57 -1.75 -25.08
C6 BOG D . -15.30 -3.37 -26.73
O6 BOG D . -14.85 -4.35 -27.62
C1' BOG D . -14.01 1.03 -23.56
C2' BOG D . -15.48 1.44 -23.48
C3' BOG D . -15.62 2.63 -22.53
C4' BOG D . -17.10 2.95 -22.32
C5' BOG D . -17.33 3.48 -20.91
C6' BOG D . -17.11 4.98 -20.88
C7' BOG D . -16.97 5.46 -19.44
C8' BOG D . -16.08 6.70 -19.41
C1 BOG E . -29.75 8.11 -7.63
O1 BOG E . -28.71 7.36 -8.10
C2 BOG E . -31.05 7.46 -8.07
O2 BOG E . -31.16 7.51 -9.51
C3 BOG E . -32.24 8.13 -7.48
O3 BOG E . -33.43 7.35 -7.78
C4 BOG E . -32.12 8.29 -5.99
O4 BOG E . -33.19 9.10 -5.53
C5 BOG E . -30.80 8.94 -5.57
O5 BOG E . -29.64 8.24 -6.14
C6 BOG E . -30.70 8.93 -4.07
O6 BOG E . -31.77 9.64 -3.53
C1' BOG E . -27.76 8.09 -8.85
C2' BOG E . -26.39 7.93 -8.19
C3' BOG E . -25.92 9.28 -7.67
C4' BOG E . -24.40 9.29 -7.54
C5' BOG E . -23.77 10.16 -8.63
C6' BOG E . -23.70 9.39 -9.96
C7' BOG E . -22.48 9.83 -10.75
C8' BOG E . -22.82 9.84 -12.25
C1 BOG F . -18.82 -9.23 -1.33
O1 BOG F . -17.57 -9.41 -1.86
C2 BOG F . -18.75 -8.24 -0.18
O2 BOG F . -17.94 -8.82 0.87
C3 BOG F . -20.10 -7.93 0.37
O3 BOG F . -19.98 -6.85 1.34
C4 BOG F . -21.07 -7.51 -0.70
O4 BOG F . -22.38 -7.45 -0.13
C5 BOG F . -21.09 -8.48 -1.89
O5 BOG F . -19.75 -8.74 -2.41
C6 BOG F . -21.96 -7.90 -2.97
O6 BOG F . -23.21 -7.57 -2.45
C1' BOG F . -17.39 -10.68 -2.46
C2' BOG F . -17.51 -10.56 -3.98
C3' BOG F . -18.88 -11.06 -4.44
C4' BOG F . -19.16 -10.57 -5.86
C5' BOG F . -18.02 -10.99 -6.78
C6' BOG F . -18.59 -11.71 -7.99
C7' BOG F . -17.44 -12.23 -8.85
C8' BOG F . -18.00 -13.11 -9.97
C1 BOG G . 3.79 -32.74 -2.76
O1 BOG G . 2.74 -31.89 -2.57
C2 BOG G . 4.63 -32.28 -3.94
O2 BOG G . 4.64 -33.33 -4.94
C3 BOG G . 6.04 -31.94 -3.59
O3 BOG G . 6.05 -30.64 -2.94
C4 BOG G . 6.73 -32.95 -2.71
O4 BOG G . 7.27 -33.98 -3.53
C5 BOG G . 5.81 -33.57 -1.65
O5 BOG G . 4.58 -32.79 -1.49
C6 BOG G . 6.53 -33.66 -0.34
O6 BOG G . 5.73 -34.34 0.59
C1' BOG G . 1.99 -32.20 -1.43
C2' BOG G . 1.12 -31.00 -1.01
C3' BOG G . 0.94 -31.04 0.50
C4' BOG G . -0.27 -30.20 0.90
C5' BOG G . -0.93 -30.79 2.13
C6' BOG G . -1.26 -32.26 1.88
C7' BOG G . -2.47 -32.67 2.71
C8' BOG G . -2.70 -34.17 2.59
C1 BOG H . -8.20 -12.06 14.87
O1 BOG H . -7.71 -12.02 13.59
C2 BOG H . -9.40 -12.99 14.93
O2 BOG H . -10.46 -12.44 14.14
C3 BOG H . -9.89 -13.18 16.32
O3 BOG H . -10.90 -14.22 16.33
C4 BOG H . -8.80 -13.55 17.28
O4 BOG H . -9.32 -13.53 18.61
C5 BOG H . -7.61 -12.60 17.19
O5 BOG H . -7.10 -12.48 15.81
C6 BOG H . -6.51 -13.08 18.09
O6 BOG H . -6.24 -14.42 17.83
C1' BOG H . -7.11 -13.22 13.15
C2' BOG H . -5.69 -12.92 12.64
C3' BOG H . -5.75 -12.02 11.42
C4' BOG H . -4.33 -11.58 11.04
C5' BOG H . -4.19 -11.58 9.53
C6' BOG H . -2.90 -10.88 9.11
C7' BOG H . -1.95 -11.89 8.46
C8' BOG H . -2.35 -12.08 7.00
#